data_6NWX
#
_entry.id   6NWX
#
_cell.length_a   170.440
_cell.length_b   44.720
_cell.length_c   78.170
_cell.angle_alpha   90.000
_cell.angle_beta   111.070
_cell.angle_gamma   90.000
#
_symmetry.space_group_name_H-M   'C 1 2 1'
#
loop_
_entity.id
_entity.type
_entity.pdbx_description
1 polymer 'Gamma-interferon-inducible lysosomal thiol reductase'
2 branched beta-D-mannopyranose-(1-4)-2-acetamido-2-deoxy-beta-D-glucopyranose-(1-4)-2-acetamido-2-deoxy-beta-D-glucopyranose
3 non-polymer 2-acetamido-2-deoxy-beta-D-glucopyranose
4 non-polymer 'PENTAETHYLENE GLYCOL'
5 non-polymer 'SULFATE ION'
6 water water
#
_entity_poly.entity_id   1
_entity_poly.type   'polypeptide(L)'
_entity_poly.pdbx_seq_one_letter_code
;AGPRPLPPSPPVRVSLYYESLCGACRYFLVRDLFPTWLMVMEIMNITLVPYGNAQERNVSGTWEFTCQHGELECRLNMVE
ACLLDKLEKEAAFLTIVCMEEMDDMEKKLGPCLQVYAPEVSPESIMECATGKRGTQLMHENAQLTDALHPPHEYVPWVLV
NEKPLKDPSELLSIVCQLYQGTEKPDICSSIAD
;
_entity_poly.pdbx_strand_id   A,B
#
loop_
_chem_comp.id
_chem_comp.type
_chem_comp.name
_chem_comp.formula
1PE non-polymer 'PENTAETHYLENE GLYCOL' 'C10 H22 O6'
BMA D-saccharide, beta linking beta-D-mannopyranose 'C6 H12 O6'
NAG D-saccharide, beta linking 2-acetamido-2-deoxy-beta-D-glucopyranose 'C8 H15 N O6'
SO4 non-polymer 'SULFATE ION' 'O4 S -2'
#
# COMPACT_ATOMS: atom_id res chain seq x y z
N PRO A 5 -8.98 -35.26 -4.53
CA PRO A 5 -9.64 -35.60 -5.80
C PRO A 5 -10.19 -34.37 -6.53
N LEU A 6 -10.52 -33.31 -5.78
CA LEU A 6 -11.03 -32.07 -6.38
C LEU A 6 -10.47 -30.89 -5.58
N PRO A 7 -9.19 -30.59 -5.77
CA PRO A 7 -8.55 -29.52 -5.02
C PRO A 7 -8.94 -28.17 -5.57
N PRO A 8 -8.83 -27.11 -4.77
CA PRO A 8 -9.11 -25.77 -5.29
C PRO A 8 -8.09 -25.37 -6.35
N SER A 9 -8.49 -24.42 -7.18
CA SER A 9 -7.61 -23.94 -8.22
C SER A 9 -6.35 -23.33 -7.59
N PRO A 10 -5.17 -23.58 -8.16
CA PRO A 10 -3.93 -23.11 -7.53
C PRO A 10 -3.75 -21.62 -7.75
N PRO A 11 -3.02 -20.95 -6.86
CA PRO A 11 -2.71 -19.53 -7.09
C PRO A 11 -1.68 -19.37 -8.19
N VAL A 12 -1.63 -18.15 -8.72
CA VAL A 12 -0.61 -17.78 -9.69
C VAL A 12 0.68 -17.44 -8.95
N ARG A 13 1.79 -18.03 -9.39
CA ARG A 13 3.08 -17.85 -8.74
C ARG A 13 3.85 -16.71 -9.39
N VAL A 14 4.34 -15.78 -8.56
CA VAL A 14 5.09 -14.62 -9.03
C VAL A 14 6.39 -14.55 -8.23
N SER A 15 7.52 -14.45 -8.93
CA SER A 15 8.82 -14.30 -8.31
C SER A 15 9.43 -12.98 -8.72
N LEU A 16 10.00 -12.26 -7.75
CA LEU A 16 10.69 -11.01 -8.01
C LEU A 16 12.15 -11.17 -7.62
N TYR A 17 13.04 -11.05 -8.61
CA TYR A 17 14.48 -11.01 -8.39
C TYR A 17 14.90 -9.54 -8.49
N TYR A 18 15.43 -8.99 -7.40
CA TYR A 18 15.60 -7.55 -7.29
C TYR A 18 16.79 -7.24 -6.39
N GLU A 19 17.17 -5.97 -6.38
CA GLU A 19 18.13 -5.44 -5.42
C GLU A 19 17.52 -4.19 -4.78
N SER A 20 17.93 -3.93 -3.53
CA SER A 20 17.17 -3.01 -2.69
C SER A 20 17.23 -1.56 -3.18
N LEU A 21 18.29 -1.17 -3.88
CA LEU A 21 18.44 0.23 -4.27
C LEU A 21 18.22 0.46 -5.77
N CYS A 22 17.76 -0.54 -6.51
CA CYS A 22 17.49 -0.37 -7.93
CA CYS A 22 17.49 -0.37 -7.93
C CYS A 22 16.16 0.36 -8.10
N GLY A 23 16.20 1.48 -8.82
CA GLY A 23 15.00 2.31 -8.97
C GLY A 23 13.84 1.58 -9.62
N ALA A 24 14.10 0.90 -10.73
CA ALA A 24 13.03 0.14 -11.38
C ALA A 24 12.51 -0.99 -10.51
N CYS A 25 13.39 -1.58 -9.68
CA CYS A 25 12.92 -2.61 -8.75
CA CYS A 25 12.94 -2.61 -8.74
C CYS A 25 11.99 -2.02 -7.70
N ARG A 26 12.32 -0.84 -7.18
CA ARG A 26 11.48 -0.24 -6.15
C ARG A 26 10.13 0.20 -6.69
N TYR A 27 10.12 0.78 -7.89
N TYR A 27 10.10 0.72 -7.92
CA TYR A 27 8.87 1.15 -8.54
CA TYR A 27 8.82 1.16 -8.46
C TYR A 27 7.99 -0.08 -8.74
C TYR A 27 7.95 -0.02 -8.92
N PHE A 28 8.55 -1.13 -9.34
CA PHE A 28 7.76 -2.33 -9.60
C PHE A 28 7.24 -2.94 -8.30
N LEU A 29 8.10 -3.00 -7.28
CA LEU A 29 7.69 -3.59 -6.01
C LEU A 29 6.55 -2.79 -5.37
N VAL A 30 6.70 -1.48 -5.29
CA VAL A 30 5.77 -0.66 -4.52
C VAL A 30 4.54 -0.30 -5.33
N ARG A 31 4.71 -0.05 -6.63
CA ARG A 31 3.63 0.46 -7.47
C ARG A 31 3.08 -0.55 -8.47
N ASP A 32 3.56 -1.80 -8.45
CA ASP A 32 3.02 -2.83 -9.33
C ASP A 32 2.73 -4.11 -8.56
N LEU A 33 3.78 -4.73 -8.00
CA LEU A 33 3.62 -5.99 -7.29
C LEU A 33 2.74 -5.82 -6.05
N PHE A 34 3.09 -4.85 -5.20
CA PHE A 34 2.33 -4.65 -3.96
C PHE A 34 0.87 -4.31 -4.22
N PRO A 35 0.51 -3.33 -5.05
CA PRO A 35 -0.92 -3.05 -5.26
C PRO A 35 -1.66 -4.18 -5.95
N THR A 36 -1.01 -4.90 -6.87
CA THR A 36 -1.65 -6.09 -7.44
C THR A 36 -1.98 -7.10 -6.34
N TRP A 37 -1.02 -7.33 -5.44
CA TRP A 37 -1.28 -8.22 -4.30
C TRP A 37 -2.44 -7.71 -3.45
N LEU A 38 -2.47 -6.40 -3.17
CA LEU A 38 -3.59 -5.85 -2.40
C LEU A 38 -4.93 -6.14 -3.07
N MET A 39 -4.95 -6.21 -4.40
CA MET A 39 -6.20 -6.43 -5.10
C MET A 39 -6.57 -7.90 -5.20
N VAL A 40 -5.61 -8.78 -5.46
CA VAL A 40 -5.91 -10.19 -5.77
C VAL A 40 -5.03 -11.15 -4.98
N MET A 41 -4.77 -10.86 -3.70
CA MET A 41 -3.88 -11.70 -2.90
C MET A 41 -4.38 -13.13 -2.82
N GLU A 42 -5.70 -13.35 -2.89
CA GLU A 42 -6.25 -14.69 -2.75
C GLU A 42 -5.80 -15.63 -3.86
N ILE A 43 -5.39 -15.10 -5.01
CA ILE A 43 -5.00 -15.92 -6.15
C ILE A 43 -3.53 -15.70 -6.50
N MET A 44 -2.73 -15.23 -5.53
CA MET A 44 -1.34 -14.87 -5.77
C MET A 44 -0.45 -15.53 -4.75
N ASN A 45 0.69 -16.07 -5.21
CA ASN A 45 1.71 -16.61 -4.33
C ASN A 45 3.04 -15.96 -4.73
N ILE A 46 3.50 -15.00 -3.93
CA ILE A 46 4.64 -14.15 -4.26
C ILE A 46 5.89 -14.64 -3.55
N THR A 47 7.00 -14.69 -4.28
CA THR A 47 8.32 -14.98 -3.72
C THR A 47 9.25 -13.82 -4.02
N LEU A 48 9.93 -13.32 -2.99
CA LEU A 48 10.93 -12.26 -3.13
C LEU A 48 12.33 -12.84 -3.02
N VAL A 49 13.21 -12.42 -3.92
CA VAL A 49 14.61 -12.87 -3.89
C VAL A 49 15.53 -11.66 -3.97
N PRO A 50 15.92 -11.08 -2.82
CA PRO A 50 16.83 -9.94 -2.83
C PRO A 50 18.27 -10.37 -3.09
N TYR A 51 18.77 -10.05 -4.28
CA TYR A 51 20.16 -10.29 -4.65
C TYR A 51 20.47 -9.52 -5.93
N GLY A 52 19.67 -9.77 -6.97
CA GLY A 52 19.74 -8.99 -8.19
C GLY A 52 21.05 -9.11 -8.95
N ASN A 53 21.71 -7.98 -9.19
CA ASN A 53 22.97 -7.94 -9.92
C ASN A 53 24.20 -8.04 -9.01
N ALA A 54 24.01 -8.50 -7.78
CA ALA A 54 25.14 -8.65 -6.86
C ALA A 54 26.08 -9.74 -7.34
N GLN A 55 27.30 -9.70 -6.82
CA GLN A 55 28.32 -10.70 -7.10
C GLN A 55 28.88 -11.22 -5.80
N GLU A 56 29.29 -12.48 -5.80
CA GLU A 56 29.72 -13.16 -4.59
C GLU A 56 31.10 -13.78 -4.83
N ARG A 57 31.92 -13.77 -3.78
CA ARG A 57 33.29 -14.27 -3.86
C ARG A 57 33.67 -14.95 -2.54
N ASN A 58 34.19 -16.16 -2.64
CA ASN A 58 34.72 -16.89 -1.49
C ASN A 58 36.06 -16.27 -1.08
N VAL A 59 36.05 -15.48 -0.02
CA VAL A 59 37.23 -14.82 0.50
C VAL A 59 37.54 -15.44 1.86
N SER A 60 38.55 -16.31 1.89
CA SER A 60 39.05 -16.91 3.13
C SER A 60 37.95 -17.72 3.83
N GLY A 61 37.26 -18.56 3.05
CA GLY A 61 36.33 -19.51 3.62
C GLY A 61 34.91 -19.03 3.74
N THR A 62 34.66 -17.73 3.55
CA THR A 62 33.34 -17.15 3.72
C THR A 62 32.96 -16.31 2.51
N TRP A 63 31.66 -16.27 2.23
CA TRP A 63 31.15 -15.53 1.09
C TRP A 63 31.11 -14.04 1.37
N GLU A 64 31.60 -13.25 0.41
CA GLU A 64 31.54 -11.80 0.46
C GLU A 64 30.87 -11.30 -0.81
N PHE A 65 30.11 -10.21 -0.68
CA PHE A 65 29.25 -9.74 -1.75
C PHE A 65 29.58 -8.32 -2.14
N THR A 66 29.47 -8.03 -3.43
CA THR A 66 29.63 -6.70 -3.98
C THR A 66 28.34 -6.32 -4.72
N CYS A 67 27.81 -5.15 -4.41
CA CYS A 67 26.55 -4.70 -4.98
C CYS A 67 26.77 -3.49 -5.88
N GLN A 68 25.95 -3.40 -6.92
CA GLN A 68 26.11 -2.33 -7.91
C GLN A 68 25.92 -0.95 -7.29
N HIS A 69 25.11 -0.85 -6.22
CA HIS A 69 24.83 0.42 -5.57
C HIS A 69 25.59 0.57 -4.26
N GLY A 70 26.60 -0.26 -4.02
CA GLY A 70 27.49 -0.09 -2.89
C GLY A 70 27.13 -0.94 -1.70
N GLU A 71 27.91 -0.74 -0.62
CA GLU A 71 27.76 -1.55 0.58
C GLU A 71 26.38 -1.38 1.22
N LEU A 72 25.77 -0.20 1.11
CA LEU A 72 24.44 0.00 1.68
C LEU A 72 23.43 -0.94 1.05
N GLU A 73 23.51 -1.13 -0.28
CA GLU A 73 22.59 -2.04 -0.95
C GLU A 73 22.83 -3.48 -0.50
N CYS A 74 24.09 -3.90 -0.40
CA CYS A 74 24.39 -5.24 0.07
CA CYS A 74 24.39 -5.24 0.07
C CYS A 74 23.86 -5.44 1.49
N ARG A 75 23.99 -4.43 2.34
CA ARG A 75 23.49 -4.55 3.71
C ARG A 75 21.97 -4.59 3.74
N LEU A 76 21.32 -3.74 2.95
CA LEU A 76 19.86 -3.75 2.89
C LEU A 76 19.34 -5.05 2.28
N ASN A 77 20.06 -5.60 1.29
CA ASN A 77 19.69 -6.91 0.75
C ASN A 77 19.68 -7.96 1.85
N MET A 78 20.69 -7.94 2.72
CA MET A 78 20.77 -8.94 3.79
C MET A 78 19.73 -8.68 4.87
N VAL A 79 19.41 -7.42 5.14
CA VAL A 79 18.33 -7.11 6.08
C VAL A 79 17.02 -7.72 5.59
N GLU A 80 16.73 -7.57 4.30
CA GLU A 80 15.48 -8.09 3.76
C GLU A 80 15.50 -9.61 3.64
N ALA A 81 16.65 -10.20 3.36
CA ALA A 81 16.76 -11.66 3.42
C ALA A 81 16.47 -12.15 4.83
N CYS A 82 16.95 -11.43 5.85
CA CYS A 82 16.70 -11.83 7.22
C CYS A 82 15.24 -11.62 7.61
N LEU A 83 14.62 -10.55 7.11
CA LEU A 83 13.18 -10.37 7.33
C LEU A 83 12.37 -11.52 6.77
N LEU A 84 12.71 -11.96 5.55
CA LEU A 84 12.00 -13.09 4.95
C LEU A 84 12.25 -14.38 5.71
N ASP A 85 13.37 -14.48 6.43
CA ASP A 85 13.68 -15.68 7.20
C ASP A 85 13.05 -15.67 8.58
N LYS A 86 12.87 -14.49 9.18
CA LYS A 86 12.45 -14.38 10.58
C LYS A 86 10.99 -14.00 10.75
N LEU A 87 10.33 -13.45 9.74
CA LEU A 87 8.95 -13.02 9.85
C LEU A 87 8.03 -13.95 9.08
N GLU A 88 6.75 -13.92 9.45
CA GLU A 88 5.73 -14.55 8.62
C GLU A 88 5.75 -13.91 7.24
N LYS A 89 5.23 -14.67 6.25
CA LYS A 89 5.32 -14.24 4.86
C LYS A 89 4.71 -12.87 4.64
N GLU A 90 3.46 -12.67 5.08
CA GLU A 90 2.79 -11.39 4.85
C GLU A 90 3.49 -10.26 5.60
N ALA A 91 3.89 -10.50 6.84
CA ALA A 91 4.58 -9.46 7.62
C ALA A 91 5.88 -9.05 6.96
N ALA A 92 6.65 -10.01 6.45
CA ALA A 92 7.91 -9.69 5.79
C ALA A 92 7.67 -8.89 4.50
N PHE A 93 6.67 -9.30 3.72
CA PHE A 93 6.31 -8.55 2.51
C PHE A 93 5.96 -7.11 2.84
N LEU A 94 5.09 -6.91 3.84
CA LEU A 94 4.67 -5.57 4.20
C LEU A 94 5.81 -4.73 4.75
N THR A 95 6.67 -5.33 5.56
CA THR A 95 7.81 -4.59 6.11
C THR A 95 8.77 -4.18 5.00
N ILE A 96 9.05 -5.08 4.06
CA ILE A 96 9.98 -4.77 2.98
C ILE A 96 9.42 -3.69 2.07
N VAL A 97 8.14 -3.80 1.72
CA VAL A 97 7.50 -2.74 0.93
C VAL A 97 7.54 -1.42 1.67
N CYS A 98 7.24 -1.45 2.98
CA CYS A 98 7.31 -0.24 3.81
C CYS A 98 8.67 0.43 3.70
N MET A 99 9.74 -0.36 3.83
CA MET A 99 11.08 0.20 3.76
C MET A 99 11.39 0.73 2.36
N GLU A 100 11.07 -0.07 1.33
CA GLU A 100 11.53 0.25 -0.02
C GLU A 100 10.93 1.54 -0.58
N GLU A 101 9.85 2.05 0.01
CA GLU A 101 9.28 3.30 -0.45
C GLU A 101 9.88 4.52 0.25
N MET A 102 10.80 4.32 1.20
CA MET A 102 11.31 5.39 2.03
C MET A 102 12.63 5.93 1.51
N ASP A 103 12.90 7.20 1.81
CA ASP A 103 14.15 7.82 1.39
C ASP A 103 15.35 7.18 2.09
N ASP A 104 15.27 7.01 3.40
CA ASP A 104 16.35 6.42 4.21
C ASP A 104 15.88 5.06 4.73
N MET A 105 16.19 4.01 3.97
CA MET A 105 15.63 2.68 4.23
C MET A 105 16.12 2.08 5.53
N GLU A 106 17.44 2.09 5.75
CA GLU A 106 18.02 1.46 6.94
C GLU A 106 17.41 2.04 8.21
N LYS A 107 17.02 3.31 8.17
CA LYS A 107 16.64 4.04 9.37
C LYS A 107 15.12 3.92 9.55
N LYS A 108 14.42 3.32 8.60
CA LYS A 108 13.00 3.02 8.71
C LYS A 108 12.74 1.58 9.09
N LEU A 109 13.78 0.76 9.27
CA LEU A 109 13.57 -0.64 9.62
C LEU A 109 12.81 -0.78 10.92
N GLY A 110 13.23 -0.06 11.96
CA GLY A 110 12.55 -0.05 13.23
C GLY A 110 11.09 0.36 13.14
N PRO A 111 10.83 1.54 12.56
CA PRO A 111 9.43 1.98 12.43
C PRO A 111 8.55 1.02 11.64
N CYS A 112 9.02 0.50 10.51
CA CYS A 112 8.21 -0.44 9.73
C CYS A 112 7.98 -1.72 10.50
N LEU A 113 8.98 -2.19 11.25
CA LEU A 113 8.82 -3.38 12.08
CA LEU A 113 8.82 -3.38 12.08
C LEU A 113 7.80 -3.15 13.18
N GLN A 114 7.84 -1.96 13.80
CA GLN A 114 6.88 -1.66 14.86
C GLN A 114 5.45 -1.72 14.36
N VAL A 115 5.24 -1.47 13.07
CA VAL A 115 3.89 -1.52 12.51
C VAL A 115 3.47 -2.95 12.24
N TYR A 116 4.34 -3.73 11.59
CA TYR A 116 3.91 -5.00 11.02
C TYR A 116 4.37 -6.23 11.80
N ALA A 117 5.41 -6.11 12.64
CA ALA A 117 5.87 -7.23 13.47
C ALA A 117 6.56 -6.70 14.71
N PRO A 118 5.81 -6.03 15.60
CA PRO A 118 6.45 -5.44 16.79
C PRO A 118 7.06 -6.47 17.72
N GLU A 119 6.67 -7.74 17.61
CA GLU A 119 7.26 -8.79 18.45
C GLU A 119 8.67 -9.14 18.03
N VAL A 120 9.13 -8.66 16.88
CA VAL A 120 10.47 -8.93 16.38
C VAL A 120 11.28 -7.64 16.48
N SER A 121 12.38 -7.68 17.22
CA SER A 121 13.17 -6.48 17.40
C SER A 121 14.00 -6.19 16.16
N PRO A 122 14.22 -4.90 15.84
CA PRO A 122 15.15 -4.57 14.77
C PRO A 122 16.58 -5.01 15.07
N GLU A 123 16.94 -5.07 16.36
CA GLU A 123 18.28 -5.53 16.73
C GLU A 123 18.51 -6.97 16.33
N SER A 124 17.49 -7.83 16.51
CA SER A 124 17.63 -9.22 16.10
C SER A 124 17.75 -9.34 14.59
N ILE A 125 17.07 -8.47 13.84
CA ILE A 125 17.21 -8.48 12.39
C ILE A 125 18.61 -8.04 11.97
N MET A 126 19.14 -7.01 12.63
CA MET A 126 20.48 -6.52 12.31
C MET A 126 21.55 -7.55 12.69
N GLU A 127 21.34 -8.28 13.79
CA GLU A 127 22.28 -9.33 14.15
CA GLU A 127 22.25 -9.36 14.17
C GLU A 127 22.35 -10.39 13.07
N CYS A 128 21.20 -10.79 12.52
CA CYS A 128 21.18 -11.72 11.41
C CYS A 128 21.87 -11.13 10.19
N ALA A 129 21.54 -9.87 9.87
CA ALA A 129 22.04 -9.25 8.65
C ALA A 129 23.56 -9.07 8.68
N THR A 130 24.12 -8.77 9.84
CA THR A 130 25.57 -8.59 9.98
C THR A 130 26.28 -9.85 10.45
N GLY A 131 25.55 -10.95 10.63
CA GLY A 131 26.12 -12.18 11.13
C GLY A 131 26.18 -13.27 10.07
N LYS A 132 26.49 -14.48 10.54
CA LYS A 132 26.65 -15.62 9.64
C LYS A 132 25.33 -15.99 8.98
N ARG A 133 24.21 -15.84 9.67
CA ARG A 133 22.93 -16.20 9.08
C ARG A 133 22.63 -15.36 7.85
N GLY A 134 22.85 -14.04 7.93
CA GLY A 134 22.63 -13.19 6.78
C GLY A 134 23.50 -13.56 5.60
N THR A 135 24.78 -13.88 5.86
CA THR A 135 25.66 -14.30 4.77
C THR A 135 25.18 -15.61 4.17
N GLN A 136 24.70 -16.54 5.01
CA GLN A 136 24.18 -17.80 4.51
C GLN A 136 22.91 -17.58 3.69
N LEU A 137 22.03 -16.68 4.13
CA LEU A 137 20.82 -16.38 3.36
C LEU A 137 21.16 -15.73 2.03
N MET A 138 22.12 -14.81 2.02
CA MET A 138 22.48 -14.13 0.78
C MET A 138 23.12 -15.11 -0.21
N HIS A 139 23.90 -16.07 0.28
CA HIS A 139 24.46 -17.08 -0.62
C HIS A 139 23.38 -17.93 -1.25
N GLU A 140 22.32 -18.23 -0.49
CA GLU A 140 21.20 -18.99 -1.05
C GLU A 140 20.47 -18.18 -2.12
N ASN A 141 20.35 -16.87 -1.90
CA ASN A 141 19.76 -16.01 -2.94
C ASN A 141 20.66 -15.92 -4.16
N ALA A 142 21.98 -15.94 -3.95
CA ALA A 142 22.91 -15.96 -5.07
C ALA A 142 22.70 -17.21 -5.93
N GLN A 143 22.60 -18.38 -5.29
CA GLN A 143 22.40 -19.62 -6.02
C GLN A 143 21.08 -19.62 -6.76
N LEU A 144 20.01 -19.15 -6.11
CA LEU A 144 18.71 -19.07 -6.76
CA LEU A 144 18.72 -19.08 -6.76
C LEU A 144 18.75 -18.17 -7.98
N THR A 145 19.41 -17.02 -7.86
CA THR A 145 19.47 -16.08 -8.97
C THR A 145 20.34 -16.62 -10.10
N ASP A 146 21.42 -17.31 -9.77
CA ASP A 146 22.28 -17.90 -10.79
C ASP A 146 21.59 -19.06 -11.50
N ALA A 147 20.63 -19.71 -10.85
CA ALA A 147 19.93 -20.83 -11.44
C ALA A 147 18.86 -20.41 -12.44
N LEU A 148 18.62 -19.11 -12.61
CA LEU A 148 17.60 -18.64 -13.53
C LEU A 148 17.88 -19.14 -14.95
N HIS A 149 16.87 -19.75 -15.56
CA HIS A 149 16.97 -20.26 -16.93
C HIS A 149 15.77 -19.76 -17.71
N PRO A 150 15.95 -18.78 -18.62
CA PRO A 150 17.23 -18.16 -18.98
C PRO A 150 17.74 -17.22 -17.90
N PRO A 151 19.04 -16.94 -17.89
CA PRO A 151 19.58 -16.00 -16.90
C PRO A 151 18.96 -14.62 -17.07
N HIS A 152 18.87 -13.89 -15.96
CA HIS A 152 18.23 -12.58 -16.01
C HIS A 152 19.11 -11.59 -16.78
N GLU A 153 18.45 -10.81 -17.64
CA GLU A 153 19.14 -9.79 -18.43
C GLU A 153 19.19 -8.44 -17.72
N TYR A 154 18.40 -8.26 -16.67
CA TYR A 154 18.35 -7.01 -15.92
C TYR A 154 17.54 -7.27 -14.66
N VAL A 155 17.49 -6.25 -13.80
CA VAL A 155 16.59 -6.27 -12.65
C VAL A 155 15.67 -5.06 -12.80
N PRO A 156 14.40 -5.14 -12.37
CA PRO A 156 13.77 -6.33 -11.77
C PRO A 156 13.49 -7.44 -12.78
N TRP A 157 13.71 -8.68 -12.37
CA TRP A 157 13.40 -9.85 -13.18
C TRP A 157 12.20 -10.53 -12.57
N VAL A 158 11.09 -10.57 -13.30
CA VAL A 158 9.80 -11.02 -12.79
C VAL A 158 9.42 -12.31 -13.50
N LEU A 159 9.14 -13.34 -12.72
CA LEU A 159 8.64 -14.62 -13.23
C LEU A 159 7.17 -14.76 -12.85
N VAL A 160 6.35 -15.14 -13.82
CA VAL A 160 4.94 -15.45 -13.58
C VAL A 160 4.75 -16.91 -14.00
N ASN A 161 4.44 -17.76 -13.03
CA ASN A 161 4.43 -19.21 -13.22
C ASN A 161 5.69 -19.64 -13.96
N GLU A 162 6.83 -19.17 -13.45
CA GLU A 162 8.18 -19.52 -13.88
C GLU A 162 8.54 -18.95 -15.25
N LYS A 163 7.68 -18.13 -15.85
CA LYS A 163 8.00 -17.52 -17.14
C LYS A 163 8.34 -16.05 -16.97
N PRO A 164 9.40 -15.56 -17.63
CA PRO A 164 9.76 -14.15 -17.50
C PRO A 164 8.66 -13.23 -18.02
N LEU A 165 8.37 -12.18 -17.25
CA LEU A 165 7.37 -11.18 -17.62
C LEU A 165 8.06 -10.00 -18.28
N LYS A 166 7.71 -9.72 -19.53
CA LYS A 166 8.41 -8.70 -20.28
C LYS A 166 7.86 -7.30 -20.05
N ASP A 167 6.55 -7.19 -19.84
CA ASP A 167 5.94 -5.88 -19.54
C ASP A 167 5.38 -5.93 -18.12
N PRO A 168 6.05 -5.30 -17.15
CA PRO A 168 5.58 -5.39 -15.75
C PRO A 168 4.21 -4.79 -15.52
N SER A 169 3.80 -3.82 -16.34
CA SER A 169 2.47 -3.22 -16.18
C SER A 169 1.35 -4.20 -16.48
N GLU A 170 1.65 -5.34 -17.11
CA GLU A 170 0.67 -6.35 -17.41
C GLU A 170 0.47 -7.35 -16.28
N LEU A 171 1.10 -7.11 -15.13
CA LEU A 171 1.08 -8.09 -14.04
C LEU A 171 -0.34 -8.40 -13.59
N LEU A 172 -1.10 -7.35 -13.24
CA LEU A 172 -2.46 -7.58 -12.75
C LEU A 172 -3.31 -8.31 -13.78
N SER A 173 -3.22 -7.91 -15.05
CA SER A 173 -4.03 -8.54 -16.09
C SER A 173 -3.63 -10.00 -16.28
N ILE A 174 -2.33 -10.31 -16.25
CA ILE A 174 -1.88 -11.66 -16.50
C ILE A 174 -2.22 -12.58 -15.33
N VAL A 175 -2.09 -12.08 -14.10
CA VAL A 175 -2.46 -12.88 -12.94
C VAL A 175 -3.94 -13.26 -13.00
N CYS A 176 -4.80 -12.30 -13.33
CA CYS A 176 -6.23 -12.58 -13.44
C CYS A 176 -6.50 -13.61 -14.55
N GLN A 177 -5.82 -13.48 -15.69
CA GLN A 177 -6.03 -14.41 -16.79
C GLN A 177 -5.54 -15.81 -16.45
N LEU A 178 -4.38 -15.91 -15.78
CA LEU A 178 -3.76 -17.21 -15.56
C LEU A 178 -4.48 -18.00 -14.47
N TYR A 179 -5.14 -17.32 -13.53
CA TYR A 179 -5.87 -18.02 -12.48
C TYR A 179 -6.94 -18.92 -13.09
N GLN A 180 -6.95 -20.18 -12.68
CA GLN A 180 -7.80 -21.20 -13.28
C GLN A 180 -9.18 -21.31 -12.65
N GLY A 181 -9.42 -20.63 -11.53
CA GLY A 181 -10.74 -20.69 -10.91
C GLY A 181 -11.78 -19.94 -11.73
N THR A 182 -13.00 -20.47 -11.73
CA THR A 182 -14.10 -19.80 -12.41
C THR A 182 -14.55 -18.56 -11.66
N GLU A 183 -14.50 -18.59 -10.33
CA GLU A 183 -14.88 -17.44 -9.50
C GLU A 183 -13.61 -16.66 -9.20
N LYS A 184 -13.45 -15.52 -9.87
CA LYS A 184 -12.29 -14.66 -9.69
C LYS A 184 -12.65 -13.46 -8.82
N PRO A 185 -11.65 -12.74 -8.30
CA PRO A 185 -11.94 -11.47 -7.63
C PRO A 185 -12.66 -10.52 -8.57
N ASP A 186 -13.48 -9.65 -7.99
CA ASP A 186 -14.32 -8.76 -8.79
C ASP A 186 -13.48 -7.89 -9.73
N ILE A 187 -12.28 -7.50 -9.31
CA ILE A 187 -11.43 -6.66 -10.14
C ILE A 187 -11.08 -7.38 -11.45
N CYS A 188 -10.92 -8.70 -11.42
CA CYS A 188 -10.55 -9.44 -12.63
C CYS A 188 -11.62 -9.32 -13.70
N SER A 189 -12.89 -9.34 -13.31
CA SER A 189 -13.95 -9.20 -14.30
C SER A 189 -14.08 -7.77 -14.81
N SER A 190 -13.63 -6.79 -14.02
CA SER A 190 -13.72 -5.40 -14.46
CA SER A 190 -13.72 -5.40 -14.46
C SER A 190 -12.69 -5.11 -15.55
N ILE A 191 -11.48 -5.65 -15.42
CA ILE A 191 -10.44 -5.42 -16.41
C ILE A 191 -10.44 -6.45 -17.52
N ALA A 192 -11.34 -7.43 -17.48
CA ALA A 192 -11.36 -8.46 -18.50
C ALA A 192 -11.76 -7.87 -19.86
N ASP A 193 -11.23 -8.47 -20.92
CA ASP A 193 -11.48 -8.00 -22.28
C ASP A 193 -12.92 -8.26 -22.69
N ALA B 1 -8.82 27.35 -16.57
CA ALA B 1 -8.05 26.93 -15.40
C ALA B 1 -6.58 26.73 -15.78
N GLY B 2 -5.70 27.29 -14.95
CA GLY B 2 -4.28 27.36 -15.23
C GLY B 2 -3.64 26.06 -15.68
N PRO B 3 -2.55 26.16 -16.47
CA PRO B 3 -1.89 27.36 -17.00
C PRO B 3 -2.79 28.33 -17.78
N ARG B 4 -3.80 27.80 -18.53
CA ARG B 4 -4.88 28.49 -19.25
C ARG B 4 -4.64 28.59 -20.76
N PRO B 5 -3.39 28.54 -21.28
CA PRO B 5 -3.25 28.47 -22.74
C PRO B 5 -2.95 27.08 -23.31
N LEU B 6 -2.30 26.17 -22.58
CA LEU B 6 -2.43 24.74 -22.94
C LEU B 6 -2.23 23.90 -21.69
N PRO B 7 -3.24 23.82 -20.81
CA PRO B 7 -3.02 23.17 -19.52
C PRO B 7 -3.00 21.65 -19.66
N PRO B 8 -2.35 20.96 -18.75
CA PRO B 8 -2.39 19.49 -18.76
C PRO B 8 -3.80 19.01 -18.41
N SER B 9 -4.10 17.80 -18.86
CA SER B 9 -5.41 17.23 -18.56
C SER B 9 -5.57 17.09 -17.05
N PRO B 10 -6.76 17.35 -16.51
CA PRO B 10 -6.94 17.34 -15.07
C PRO B 10 -6.98 15.91 -14.54
N PRO B 11 -6.64 15.69 -13.28
CA PRO B 11 -6.76 14.35 -12.71
C PRO B 11 -8.22 13.97 -12.52
N VAL B 12 -8.44 12.67 -12.35
CA VAL B 12 -9.76 12.18 -12.02
C VAL B 12 -9.97 12.35 -10.51
N ARG B 13 -11.09 12.94 -10.13
CA ARG B 13 -11.39 13.24 -8.74
C ARG B 13 -12.18 12.09 -8.11
N VAL B 14 -11.71 11.61 -6.96
CA VAL B 14 -12.35 10.52 -6.24
C VAL B 14 -12.56 10.93 -4.80
N SER B 15 -13.80 10.80 -4.32
CA SER B 15 -14.15 11.09 -2.94
C SER B 15 -14.63 9.81 -2.27
N LEU B 16 -14.14 9.56 -1.06
CA LEU B 16 -14.58 8.43 -0.26
C LEU B 16 -15.25 8.96 0.99
N TYR B 17 -16.54 8.69 1.13
CA TYR B 17 -17.30 8.98 2.34
C TYR B 17 -17.41 7.67 3.12
N TYR B 18 -16.84 7.64 4.32
CA TYR B 18 -16.63 6.38 5.02
C TYR B 18 -16.66 6.60 6.52
N GLU B 19 -16.69 5.49 7.26
CA GLU B 19 -16.53 5.48 8.70
C GLU B 19 -15.46 4.45 9.05
N SER B 20 -14.74 4.71 10.15
CA SER B 20 -13.47 4.02 10.39
C SER B 20 -13.65 2.54 10.68
N LEU B 21 -14.80 2.12 11.21
CA LEU B 21 -14.96 0.72 11.59
C LEU B 21 -15.89 -0.07 10.67
N CYS B 22 -16.32 0.52 9.55
CA CYS B 22 -17.16 -0.20 8.62
CA CYS B 22 -17.16 -0.20 8.62
C CYS B 22 -16.32 -1.15 7.78
N GLY B 23 -16.70 -2.43 7.75
CA GLY B 23 -15.91 -3.43 7.06
C GLY B 23 -15.76 -3.16 5.58
N ALA B 24 -16.88 -2.88 4.90
CA ALA B 24 -16.80 -2.58 3.48
C ALA B 24 -15.99 -1.33 3.20
N CYS B 25 -16.02 -0.35 4.12
CA CYS B 25 -15.21 0.86 3.97
CA CYS B 25 -15.22 0.85 3.93
C CYS B 25 -13.73 0.53 4.04
N ARG B 26 -13.35 -0.33 4.98
CA ARG B 26 -11.94 -0.65 5.17
C ARG B 26 -11.39 -1.48 4.02
N TYR B 27 -12.18 -2.44 3.54
N TYR B 27 -12.20 -2.40 3.48
CA TYR B 27 -11.78 -3.22 2.37
CA TYR B 27 -11.71 -3.21 2.37
C TYR B 27 -11.58 -2.30 1.16
C TYR B 27 -11.69 -2.44 1.05
N PHE B 28 -12.57 -1.44 0.88
CA PHE B 28 -12.45 -0.57 -0.28
C PHE B 28 -11.26 0.36 -0.14
N LEU B 29 -11.05 0.93 1.05
CA LEU B 29 -9.93 1.83 1.27
C LEU B 29 -8.60 1.12 1.04
N VAL B 30 -8.42 -0.05 1.66
CA VAL B 30 -7.12 -0.70 1.68
C VAL B 30 -6.89 -1.52 0.42
N ARG B 31 -7.93 -2.18 -0.11
CA ARG B 31 -7.75 -3.11 -1.21
C ARG B 31 -8.31 -2.63 -2.54
N ASP B 32 -8.81 -1.39 -2.61
CA ASP B 32 -9.29 -0.83 -3.87
C ASP B 32 -8.73 0.56 -4.11
N LEU B 33 -9.08 1.51 -3.23
CA LEU B 33 -8.65 2.89 -3.41
C LEU B 33 -7.13 3.03 -3.30
N PHE B 34 -6.56 2.49 -2.23
CA PHE B 34 -5.11 2.60 -2.02
C PHE B 34 -4.31 1.96 -3.14
N PRO B 35 -4.54 0.70 -3.54
CA PRO B 35 -3.75 0.14 -4.65
C PRO B 35 -3.99 0.82 -5.97
N THR B 36 -5.21 1.29 -6.25
CA THR B 36 -5.43 2.09 -7.44
C THR B 36 -4.56 3.35 -7.42
N TRP B 37 -4.51 4.02 -6.27
CA TRP B 37 -3.65 5.19 -6.13
C TRP B 37 -2.18 4.82 -6.35
N LEU B 38 -1.73 3.70 -5.76
CA LEU B 38 -0.35 3.27 -5.96
C LEU B 38 -0.05 3.07 -7.44
N MET B 39 -1.05 2.66 -8.22
CA MET B 39 -0.81 2.39 -9.64
C MET B 39 -0.89 3.67 -10.48
N VAL B 40 -1.86 4.54 -10.22
CA VAL B 40 -2.12 5.67 -11.12
C VAL B 40 -2.27 6.99 -10.35
N MET B 41 -1.43 7.21 -9.33
CA MET B 41 -1.54 8.41 -8.52
C MET B 41 -1.41 9.69 -9.35
N GLU B 42 -0.67 9.63 -10.45
CA GLU B 42 -0.44 10.82 -11.27
C GLU B 42 -1.71 11.38 -11.87
N ILE B 43 -2.77 10.57 -12.01
CA ILE B 43 -4.00 11.00 -12.64
C ILE B 43 -5.18 10.95 -11.67
N MET B 44 -4.89 10.98 -10.37
CA MET B 44 -5.89 10.80 -9.33
C MET B 44 -5.81 11.95 -8.32
N ASN B 45 -6.97 12.44 -7.91
CA ASN B 45 -7.07 13.42 -6.82
C ASN B 45 -8.10 12.88 -5.84
N ILE B 46 -7.63 12.33 -4.71
CA ILE B 46 -8.46 11.60 -3.76
C ILE B 46 -8.82 12.51 -2.60
N THR B 47 -10.08 12.49 -2.20
CA THR B 47 -10.56 13.17 -1.01
C THR B 47 -11.18 12.15 -0.07
N LEU B 48 -10.74 12.17 1.20
CA LEU B 48 -11.28 11.32 2.24
C LEU B 48 -12.17 12.14 3.16
N VAL B 49 -13.34 11.60 3.49
CA VAL B 49 -14.28 12.27 4.38
C VAL B 49 -14.73 11.30 5.46
N PRO B 50 -14.04 11.25 6.61
CA PRO B 50 -14.44 10.34 7.69
C PRO B 50 -15.65 10.88 8.45
N TYR B 51 -16.79 10.22 8.25
CA TYR B 51 -18.03 10.54 8.98
C TYR B 51 -19.04 9.43 8.74
N GLY B 52 -19.34 9.16 7.47
CA GLY B 52 -20.16 8.03 7.11
C GLY B 52 -21.58 8.09 7.60
N ASN B 53 -22.01 7.08 8.35
CA ASN B 53 -23.36 7.00 8.88
C ASN B 53 -23.49 7.59 10.28
N ALA B 54 -22.53 8.41 10.70
CA ALA B 54 -22.61 9.04 12.00
C ALA B 54 -23.76 10.05 12.03
N GLN B 55 -24.18 10.39 13.25
CA GLN B 55 -25.26 11.32 13.47
C GLN B 55 -24.78 12.42 14.40
N GLU B 56 -25.33 13.62 14.21
CA GLU B 56 -24.83 14.82 14.87
C GLU B 56 -25.94 15.54 15.64
N ARG B 57 -25.59 16.07 16.81
CA ARG B 57 -26.54 16.78 17.67
C ARG B 57 -25.86 17.89 18.44
N ASN B 58 -26.44 19.09 18.32
CA ASN B 58 -26.10 20.26 19.13
C ASN B 58 -26.75 20.09 20.50
N VAL B 59 -25.98 19.68 21.50
CA VAL B 59 -26.50 19.56 22.87
C VAL B 59 -25.79 20.61 23.71
N SER B 60 -26.50 21.70 24.00
CA SER B 60 -26.04 22.72 24.92
C SER B 60 -24.70 23.33 24.47
N GLY B 61 -24.68 23.78 23.21
CA GLY B 61 -23.59 24.59 22.69
C GLY B 61 -22.49 23.88 21.94
N THR B 62 -22.40 22.55 22.01
CA THR B 62 -21.34 21.83 21.32
C THR B 62 -21.91 20.65 20.55
N TRP B 63 -21.27 20.33 19.44
CA TRP B 63 -21.70 19.20 18.61
C TRP B 63 -21.25 17.89 19.24
N GLU B 64 -22.16 16.93 19.31
CA GLU B 64 -21.85 15.59 19.79
C GLU B 64 -22.28 14.59 18.74
N PHE B 65 -21.52 13.51 18.64
CA PHE B 65 -21.68 12.56 17.55
C PHE B 65 -21.96 11.16 18.07
N THR B 66 -22.81 10.44 17.36
CA THR B 66 -23.10 9.04 17.63
C THR B 66 -22.77 8.24 16.39
N CYS B 67 -22.00 7.17 16.57
CA CYS B 67 -21.52 6.36 15.47
C CYS B 67 -22.14 4.96 15.55
N GLN B 68 -22.34 4.35 14.37
CA GLN B 68 -22.99 3.05 14.30
C GLN B 68 -22.18 1.98 15.01
N HIS B 69 -20.86 2.12 15.05
CA HIS B 69 -20.00 1.13 15.68
C HIS B 69 -19.49 1.57 17.05
N GLY B 70 -20.10 2.58 17.65
CA GLY B 70 -19.82 2.95 19.02
C GLY B 70 -18.82 4.09 19.13
N GLU B 71 -18.49 4.39 20.39
CA GLU B 71 -17.62 5.53 20.69
C GLU B 71 -16.23 5.37 20.09
N LEU B 72 -15.73 4.14 19.98
CA LEU B 72 -14.41 3.95 19.38
C LEU B 72 -14.39 4.43 17.94
N GLU B 73 -15.45 4.14 17.18
CA GLU B 73 -15.50 4.61 15.79
C GLU B 73 -15.54 6.13 15.71
N CYS B 74 -16.34 6.76 16.58
CA CYS B 74 -16.39 8.22 16.60
C CYS B 74 -15.03 8.81 16.94
N ARG B 75 -14.31 8.21 17.89
CA ARG B 75 -12.99 8.71 18.25
C ARG B 75 -12.00 8.51 17.12
N LEU B 76 -12.03 7.35 16.46
CA LEU B 76 -11.13 7.11 15.34
C LEU B 76 -11.47 8.01 14.16
N ASN B 77 -12.75 8.30 13.93
CA ASN B 77 -13.13 9.25 12.89
C ASN B 77 -12.49 10.61 13.13
N MET B 78 -12.48 11.07 14.37
CA MET B 78 -11.90 12.37 14.67
C MET B 78 -10.38 12.34 14.60
N VAL B 79 -9.76 11.22 15.00
CA VAL B 79 -8.32 11.08 14.83
C VAL B 79 -7.94 11.24 13.37
N GLU B 80 -8.69 10.59 12.49
CA GLU B 80 -8.38 10.65 11.06
C GLU B 80 -8.74 12.01 10.48
N ALA B 81 -9.79 12.65 10.97
CA ALA B 81 -10.06 14.04 10.57
C ALA B 81 -8.91 14.96 10.98
N CYS B 82 -8.36 14.74 12.18
CA CYS B 82 -7.24 15.54 12.64
C CYS B 82 -5.97 15.22 11.84
N LEU B 83 -5.78 13.96 11.46
CA LEU B 83 -4.65 13.61 10.60
C LEU B 83 -4.75 14.35 9.27
N LEU B 84 -5.96 14.40 8.68
CA LEU B 84 -6.14 15.10 7.42
C LEU B 84 -5.91 16.60 7.56
N ASP B 85 -6.11 17.13 8.76
CA ASP B 85 -5.91 18.56 9.00
C ASP B 85 -4.47 18.92 9.32
N LYS B 86 -3.71 18.01 9.94
CA LYS B 86 -2.39 18.34 10.45
C LYS B 86 -1.23 17.82 9.60
N LEU B 87 -1.48 16.84 8.73
CA LEU B 87 -0.43 16.27 7.89
C LEU B 87 -0.61 16.68 6.44
N GLU B 88 0.48 16.58 5.68
CA GLU B 88 0.41 16.68 4.25
C GLU B 88 -0.54 15.63 3.70
N LYS B 89 -1.07 15.89 2.50
CA LYS B 89 -2.11 15.02 1.93
C LYS B 89 -1.64 13.58 1.84
N GLU B 90 -0.48 13.34 1.22
CA GLU B 90 0.00 11.98 1.03
C GLU B 90 0.30 11.30 2.37
N ALA B 91 0.93 12.02 3.29
CA ALA B 91 1.26 11.44 4.60
C ALA B 91 -0.02 11.05 5.35
N ALA B 92 -1.05 11.90 5.30
CA ALA B 92 -2.30 11.59 5.97
C ALA B 92 -2.98 10.38 5.34
N PHE B 93 -2.98 10.31 4.00
CA PHE B 93 -3.53 9.16 3.31
C PHE B 93 -2.82 7.88 3.72
N LEU B 94 -1.49 7.91 3.71
CA LEU B 94 -0.71 6.72 4.04
C LEU B 94 -0.92 6.32 5.50
N THR B 95 -0.96 7.30 6.41
CA THR B 95 -1.16 6.99 7.82
C THR B 95 -2.54 6.39 8.07
N ILE B 96 -3.57 6.94 7.43
CA ILE B 96 -4.92 6.43 7.64
C ILE B 96 -5.05 5.02 7.07
N VAL B 97 -4.49 4.78 5.88
CA VAL B 97 -4.49 3.43 5.32
C VAL B 97 -3.75 2.47 6.23
N CYS B 98 -2.60 2.89 6.75
CA CYS B 98 -1.82 2.07 7.68
C CYS B 98 -2.68 1.66 8.87
N MET B 99 -3.41 2.61 9.47
CA MET B 99 -4.22 2.30 10.64
C MET B 99 -5.38 1.38 10.29
N GLU B 100 -6.10 1.68 9.20
CA GLU B 100 -7.35 0.99 8.91
C GLU B 100 -7.16 -0.49 8.59
N GLU B 101 -5.94 -0.93 8.30
CA GLU B 101 -5.71 -2.34 8.05
C GLU B 101 -5.37 -3.12 9.32
N MET B 102 -5.29 -2.46 10.47
CA MET B 102 -4.81 -3.08 11.70
CA MET B 102 -4.81 -3.08 11.69
C MET B 102 -5.96 -3.51 12.59
N ASP B 103 -5.65 -4.47 13.48
CA ASP B 103 -6.65 -4.99 14.43
C ASP B 103 -6.94 -3.96 15.51
N ASP B 104 -5.91 -3.39 16.13
CA ASP B 104 -6.06 -2.42 17.20
C ASP B 104 -5.61 -1.07 16.65
N MET B 105 -6.57 -0.31 16.12
CA MET B 105 -6.24 0.90 15.37
C MET B 105 -5.63 1.97 16.27
N GLU B 106 -6.24 2.20 17.44
CA GLU B 106 -5.78 3.26 18.32
C GLU B 106 -4.32 3.07 18.71
N LYS B 107 -3.87 1.83 18.81
CA LYS B 107 -2.53 1.57 19.31
C LYS B 107 -1.52 1.53 18.17
N LYS B 108 -2.01 1.63 16.93
CA LYS B 108 -1.16 1.73 15.77
C LYS B 108 -1.03 3.16 15.27
N LEU B 109 -1.72 4.12 15.89
CA LEU B 109 -1.58 5.51 15.47
C LEU B 109 -0.14 5.98 15.62
N GLY B 110 0.45 5.76 16.78
CA GLY B 110 1.83 6.10 17.03
C GLY B 110 2.80 5.45 16.05
N PRO B 111 2.75 4.13 15.93
CA PRO B 111 3.63 3.45 14.96
C PRO B 111 3.43 3.90 13.52
N CYS B 112 2.19 4.05 13.06
CA CYS B 112 1.97 4.49 11.68
C CYS B 112 2.49 5.90 11.47
N LEU B 113 2.31 6.77 12.47
CA LEU B 113 2.84 8.13 12.38
CA LEU B 113 2.84 8.12 12.37
C LEU B 113 4.37 8.12 12.30
N GLN B 114 5.02 7.25 13.06
CA GLN B 114 6.47 7.18 13.04
C GLN B 114 7.00 6.82 11.66
N VAL B 115 6.21 6.08 10.88
CA VAL B 115 6.64 5.71 9.53
C VAL B 115 6.45 6.87 8.56
N TYR B 116 5.28 7.50 8.58
CA TYR B 116 4.90 8.42 7.52
C TYR B 116 4.97 9.89 7.89
N ALA B 117 4.96 10.23 9.17
CA ALA B 117 5.06 11.63 9.61
C ALA B 117 5.66 11.69 11.01
N PRO B 118 6.93 11.29 11.14
CA PRO B 118 7.55 11.27 12.48
C PRO B 118 7.65 12.63 13.13
N GLU B 119 7.56 13.72 12.36
CA GLU B 119 7.58 15.06 12.91
C GLU B 119 6.29 15.43 13.63
N VAL B 120 5.24 14.63 13.50
CA VAL B 120 3.96 14.89 14.14
C VAL B 120 3.78 13.85 15.24
N SER B 121 3.65 14.32 16.48
CA SER B 121 3.52 13.40 17.59
C SER B 121 2.09 12.85 17.66
N PRO B 122 1.93 11.59 18.07
CA PRO B 122 0.56 11.08 18.32
C PRO B 122 -0.15 11.84 19.43
N GLU B 123 0.60 12.40 20.38
CA GLU B 123 -0.02 13.17 21.45
C GLU B 123 -0.70 14.42 20.91
N SER B 124 -0.05 15.09 19.95
CA SER B 124 -0.67 16.28 19.36
C SER B 124 -1.91 15.92 18.54
N ILE B 125 -1.92 14.74 17.90
CA ILE B 125 -3.10 14.31 17.17
C ILE B 125 -4.24 13.98 18.13
N MET B 126 -3.92 13.31 19.24
CA MET B 126 -4.95 12.96 20.22
C MET B 126 -5.50 14.20 20.91
N GLU B 127 -4.65 15.19 21.18
CA GLU B 127 -5.15 16.46 21.71
C GLU B 127 -6.19 17.07 20.77
N CYS B 128 -5.94 16.98 19.46
CA CYS B 128 -6.89 17.48 18.48
CA CYS B 128 -6.89 17.48 18.48
CA CYS B 128 -6.89 17.49 18.49
CA CYS B 128 -6.89 17.48 18.48
C CYS B 128 -8.18 16.67 18.48
N ALA B 129 -8.05 15.35 18.41
CA ALA B 129 -9.22 14.47 18.34
C ALA B 129 -10.12 14.61 19.57
N THR B 130 -9.55 14.85 20.74
CA THR B 130 -10.32 14.99 21.96
C THR B 130 -10.62 16.44 22.31
N GLY B 131 -10.21 17.39 21.49
CA GLY B 131 -10.39 18.79 21.76
C GLY B 131 -11.40 19.45 20.84
N LYS B 132 -11.43 20.78 20.92
CA LYS B 132 -12.40 21.55 20.15
C LYS B 132 -12.15 21.46 18.65
N ARG B 133 -10.89 21.35 18.24
CA ARG B 133 -10.57 21.26 16.81
C ARG B 133 -11.16 20.00 16.19
N GLY B 134 -11.02 18.85 16.88
CA GLY B 134 -11.60 17.62 16.36
C GLY B 134 -13.10 17.71 16.21
N THR B 135 -13.77 18.33 17.19
CA THR B 135 -15.22 18.51 17.09
C THR B 135 -15.60 19.40 15.93
N GLN B 136 -14.85 20.49 15.72
CA GLN B 136 -15.14 21.37 14.58
C GLN B 136 -14.88 20.67 13.26
N LEU B 137 -13.80 19.89 13.18
CA LEU B 137 -13.51 19.15 11.96
C LEU B 137 -14.59 18.11 11.67
N MET B 138 -15.06 17.41 12.70
CA MET B 138 -16.09 16.40 12.50
C MET B 138 -17.40 17.05 12.07
N HIS B 139 -17.71 18.24 12.60
CA HIS B 139 -18.91 18.95 12.17
C HIS B 139 -18.82 19.34 10.70
N GLU B 140 -17.62 19.70 10.24
CA GLU B 140 -17.44 20.01 8.82
C GLU B 140 -17.65 18.78 7.96
N ASN B 141 -17.20 17.61 8.42
CA ASN B 141 -17.43 16.39 7.67
C ASN B 141 -18.91 16.01 7.67
N ALA B 142 -19.63 16.31 8.75
CA ALA B 142 -21.08 16.09 8.78
C ALA B 142 -21.78 16.91 7.70
N GLN B 143 -21.42 18.18 7.60
CA GLN B 143 -22.05 19.05 6.61
C GLN B 143 -21.74 18.59 5.20
N LEU B 144 -20.50 18.16 4.95
CA LEU B 144 -20.13 17.67 3.62
CA LEU B 144 -20.13 17.67 3.62
C LEU B 144 -20.92 16.41 3.27
N THR B 145 -21.06 15.50 4.23
CA THR B 145 -21.79 14.26 3.97
C THR B 145 -23.29 14.53 3.81
N ASP B 146 -23.83 15.47 4.58
CA ASP B 146 -25.25 15.81 4.46
C ASP B 146 -25.55 16.50 3.14
N ALA B 147 -24.56 17.18 2.56
CA ALA B 147 -24.75 17.90 1.30
C ALA B 147 -24.73 16.99 0.08
N LEU B 148 -24.48 15.69 0.25
CA LEU B 148 -24.42 14.78 -0.88
C LEU B 148 -25.73 14.78 -1.64
N HIS B 149 -25.65 14.97 -2.95
CA HIS B 149 -26.81 14.96 -3.83
C HIS B 149 -26.52 14.04 -5.00
N PRO B 150 -27.12 12.83 -5.04
CA PRO B 150 -28.09 12.33 -4.06
C PRO B 150 -27.45 11.95 -2.74
N PRO B 151 -28.23 11.93 -1.66
CA PRO B 151 -27.68 11.50 -0.36
C PRO B 151 -27.20 10.06 -0.44
N HIS B 152 -26.20 9.75 0.39
CA HIS B 152 -25.62 8.42 0.35
C HIS B 152 -26.62 7.39 0.86
N GLU B 153 -26.71 6.27 0.16
CA GLU B 153 -27.59 5.18 0.56
C GLU B 153 -26.90 4.20 1.49
N TYR B 154 -25.58 4.25 1.57
CA TYR B 154 -24.78 3.36 2.39
C TYR B 154 -23.36 3.89 2.40
N VAL B 155 -22.51 3.25 3.19
CA VAL B 155 -21.07 3.50 3.17
C VAL B 155 -20.38 2.18 2.83
N PRO B 156 -19.25 2.19 2.11
CA PRO B 156 -18.59 3.39 1.59
C PRO B 156 -19.32 4.00 0.40
N TRP B 157 -19.38 5.33 0.36
CA TRP B 157 -19.98 6.07 -0.73
C TRP B 157 -18.85 6.70 -1.52
N VAL B 158 -18.71 6.28 -2.78
CA VAL B 158 -17.58 6.66 -3.63
C VAL B 158 -18.09 7.51 -4.77
N LEU B 159 -17.50 8.71 -4.92
CA LEU B 159 -17.79 9.59 -6.04
C LEU B 159 -16.59 9.61 -6.98
N VAL B 160 -16.85 9.45 -8.27
CA VAL B 160 -15.83 9.59 -9.29
C VAL B 160 -16.26 10.74 -10.18
N ASN B 161 -15.49 11.83 -10.16
CA ASN B 161 -15.88 13.09 -10.79
C ASN B 161 -17.32 13.44 -10.42
N GLU B 162 -17.62 13.37 -9.12
CA GLU B 162 -18.87 13.76 -8.47
C GLU B 162 -20.03 12.82 -8.79
N LYS B 163 -19.78 11.70 -9.47
CA LYS B 163 -20.85 10.76 -9.74
C LYS B 163 -20.69 9.52 -8.86
N PRO B 164 -21.77 9.01 -8.27
CA PRO B 164 -21.65 7.83 -7.41
C PRO B 164 -21.17 6.60 -8.19
N LEU B 165 -20.21 5.88 -7.60
CA LEU B 165 -19.70 4.62 -8.13
C LEU B 165 -20.36 3.47 -7.39
N LYS B 166 -21.10 2.62 -8.11
CA LYS B 166 -21.87 1.51 -7.53
C LYS B 166 -21.04 0.23 -7.50
N ASP B 167 -20.12 0.03 -8.45
CA ASP B 167 -19.24 -1.14 -8.39
C ASP B 167 -17.84 -0.66 -8.06
N PRO B 168 -17.41 -0.82 -6.82
CA PRO B 168 -16.07 -0.32 -6.44
C PRO B 168 -14.95 -1.02 -7.17
N SER B 169 -15.15 -2.27 -7.62
CA SER B 169 -14.12 -2.99 -8.35
C SER B 169 -13.81 -2.36 -9.70
N GLU B 170 -14.66 -1.46 -10.20
CA GLU B 170 -14.44 -0.79 -11.47
C GLU B 170 -13.63 0.50 -11.31
N LEU B 171 -13.12 0.78 -10.12
CA LEU B 171 -12.45 2.07 -9.87
C LEU B 171 -11.25 2.27 -10.78
N LEU B 172 -10.31 1.30 -10.77
CA LEU B 172 -9.11 1.45 -11.59
C LEU B 172 -9.46 1.61 -13.06
N SER B 173 -10.39 0.80 -13.56
CA SER B 173 -10.76 0.87 -14.97
C SER B 173 -11.40 2.21 -15.30
N ILE B 174 -12.25 2.73 -14.42
CA ILE B 174 -12.98 3.96 -14.69
C ILE B 174 -12.05 5.17 -14.60
N VAL B 175 -11.14 5.15 -13.62
CA VAL B 175 -10.16 6.24 -13.52
C VAL B 175 -9.32 6.32 -14.79
N CYS B 176 -8.87 5.17 -15.29
CA CYS B 176 -8.09 5.16 -16.53
C CYS B 176 -8.91 5.68 -17.70
N GLN B 177 -10.18 5.27 -17.79
CA GLN B 177 -11.03 5.71 -18.89
C GLN B 177 -11.32 7.20 -18.83
N LEU B 178 -11.58 7.72 -17.63
CA LEU B 178 -12.02 9.10 -17.51
C LEU B 178 -10.88 10.09 -17.71
N TYR B 179 -9.64 9.67 -17.45
CA TYR B 179 -8.51 10.56 -17.64
C TYR B 179 -8.43 10.97 -19.12
N GLN B 180 -8.31 12.28 -19.34
CA GLN B 180 -8.40 12.83 -20.69
C GLN B 180 -7.06 12.92 -21.40
N GLY B 181 -5.96 12.64 -20.72
CA GLY B 181 -4.66 12.69 -21.36
C GLY B 181 -4.45 11.56 -22.34
N THR B 182 -3.72 11.86 -23.42
CA THR B 182 -3.39 10.84 -24.42
C THR B 182 -2.37 9.86 -23.87
N GLU B 183 -1.42 10.34 -23.08
CA GLU B 183 -0.38 9.51 -22.48
C GLU B 183 -0.85 9.10 -21.09
N LYS B 184 -1.28 7.85 -20.95
CA LYS B 184 -1.77 7.32 -19.69
C LYS B 184 -0.70 6.45 -19.04
N PRO B 185 -0.85 6.14 -17.75
CA PRO B 185 0.05 5.16 -17.14
C PRO B 185 -0.02 3.83 -17.88
N ASP B 186 1.11 3.11 -17.85
CA ASP B 186 1.22 1.87 -18.62
C ASP B 186 0.13 0.87 -18.24
N ILE B 187 -0.27 0.85 -16.97
CA ILE B 187 -1.31 -0.09 -16.53
C ILE B 187 -2.62 0.17 -17.26
N CYS B 188 -2.91 1.45 -17.57
CA CYS B 188 -4.17 1.78 -18.23
C CYS B 188 -4.27 1.11 -19.60
N SER B 189 -3.16 1.06 -20.34
CA SER B 189 -3.17 0.41 -21.64
C SER B 189 -3.22 -1.12 -21.52
N SER B 190 -2.76 -1.67 -20.39
CA SER B 190 -2.82 -3.12 -20.22
CA SER B 190 -2.82 -3.12 -20.22
C SER B 190 -4.24 -3.59 -19.96
N ILE B 191 -5.01 -2.84 -19.19
CA ILE B 191 -6.40 -3.17 -18.91
C ILE B 191 -7.37 -2.56 -19.91
N ALA B 192 -6.86 -1.82 -20.90
CA ALA B 192 -7.71 -1.17 -21.88
C ALA B 192 -8.45 -2.20 -22.74
N ASP B 193 -9.60 -1.80 -23.24
CA ASP B 193 -10.45 -2.66 -24.05
C ASP B 193 -9.79 -2.97 -25.40
C1 NAG C . 3.32 -20.71 -2.19
C2 NAG C . 2.61 -21.92 -1.60
C3 NAG C . 3.46 -22.68 -0.68
C4 NAG C . 4.81 -23.03 -1.25
C5 NAG C . 5.51 -21.81 -1.83
C6 NAG C . 6.76 -22.23 -2.60
C7 NAG C . 0.04 -21.66 -1.34
C8 NAG C . -1.17 -21.15 -0.53
N2 NAG C . 1.41 -21.42 -0.83
O3 NAG C . 2.78 -23.91 -0.32
O4 NAG C . 5.59 -23.58 -0.20
O5 NAG C . 4.67 -21.07 -2.77
O6 NAG C . 6.37 -22.80 -3.83
O7 NAG C . -0.13 -22.25 -2.37
C1 NAG C . 5.92 -24.94 -0.50
C2 NAG C . 7.20 -25.31 0.23
C3 NAG C . 7.62 -26.68 -0.10
C4 NAG C . 6.55 -27.70 0.22
C5 NAG C . 5.21 -27.31 -0.41
C6 NAG C . 4.11 -28.23 0.09
C7 NAG C . 8.77 -23.32 0.78
C8 NAG C . 9.89 -22.36 0.37
N2 NAG C . 8.30 -24.35 -0.18
O3 NAG C . 8.83 -26.96 0.63
O4 NAG C . 6.97 -28.95 -0.32
O5 NAG C . 4.82 -25.92 -0.15
O6 NAG C . 3.35 -28.70 -1.01
O7 NAG C . 8.28 -23.25 1.86
C1 BMA C . 7.24 -30.07 0.60
C2 BMA C . 8.10 -29.67 1.88
C3 BMA C . 8.44 -30.94 2.63
C4 BMA C . 7.16 -31.72 2.99
C5 BMA C . 6.28 -31.97 1.73
C6 BMA C . 4.95 -32.63 2.05
O2 BMA C . 7.38 -28.89 2.81
O3 BMA C . 9.19 -30.67 3.80
O4 BMA C . 7.49 -32.96 3.59
O5 BMA C . 6.01 -30.70 1.07
O6 BMA C . 4.46 -33.25 0.87
C1 NAG D . -7.28 18.27 -5.81
C2 NAG D . -6.53 19.44 -6.43
C3 NAG D . -6.51 20.65 -5.58
C4 NAG D . -7.87 21.05 -5.05
C5 NAG D . -8.64 19.87 -4.46
C6 NAG D . -10.09 20.26 -4.24
C7 NAG D . -4.57 18.85 -8.05
C8 NAG D . -5.48 19.13 -9.26
N2 NAG D . -5.10 19.01 -6.66
O3 NAG D . -5.96 21.75 -6.34
O4 NAG D . -7.67 22.02 -4.02
O5 NAG D . -8.66 18.70 -5.34
O6 NAG D . -10.73 20.38 -5.49
O7 NAG D . -3.45 18.51 -8.21
C1 NAG D . -8.24 23.30 -4.34
C2 NAG D . -8.56 24.02 -3.04
C3 NAG D . -9.06 25.40 -3.21
C4 NAG D . -8.43 26.24 -4.29
C5 NAG D . -7.88 25.46 -5.50
C6 NAG D . -6.72 26.22 -6.14
C7 NAG D . -9.25 22.31 -1.21
C8 NAG D . -10.34 21.51 -0.48
N2 NAG D . -9.63 23.23 -2.32
O3 NAG D . -8.90 26.09 -1.95
O4 NAG D . -9.48 27.12 -4.70
O5 NAG D . -7.34 24.13 -5.21
O6 NAG D . -6.07 25.39 -7.07
O7 NAG D . -8.11 22.19 -0.90
C1 BMA D . -9.04 28.46 -5.09
C2 BMA D . -10.18 29.46 -4.80
C3 BMA D . -9.75 30.84 -5.29
C4 BMA D . -8.41 31.24 -4.66
C5 BMA D . -7.34 30.13 -4.89
C6 BMA D . -6.02 30.43 -4.21
O2 BMA D . -10.42 29.58 -3.40
O3 BMA D . -10.74 31.82 -5.03
O4 BMA D . -7.95 32.46 -5.22
O5 BMA D . -7.86 28.87 -4.40
O6 BMA D . -5.01 29.66 -4.85
C1 NAG E . 34.76 -21.64 0.10
C2 NAG E . 34.50 -22.99 -0.54
C3 NAG E . 34.10 -24.00 0.45
C4 NAG E . 34.75 -23.82 1.81
C5 NAG E . 36.01 -22.94 1.85
C6 NAG E . 37.22 -23.81 1.51
C7 NAG E . 33.85 -22.75 -3.03
C8 NAG E . 32.79 -22.61 -4.14
N2 NAG E . 33.44 -22.85 -1.60
O3 NAG E . 34.46 -25.32 -0.07
O4 NAG E . 33.78 -23.29 2.70
O5 NAG E . 35.98 -21.75 0.98
O6 NAG E . 38.36 -23.32 2.19
O7 NAG E . 35.01 -22.78 -3.31
OH2 1PE F . 11.16 8.91 -2.03
C12 1PE F . 12.38 8.26 -1.82
C22 1PE F . 12.75 7.45 -3.05
OH3 1PE F . 11.94 6.30 -3.11
C13 1PE F . 10.95 4.56 -4.40
C23 1PE F . 11.57 5.96 -4.41
OH4 1PE F . 9.75 4.56 -5.12
C14 1PE F . 7.37 4.55 -4.97
C24 1PE F . 8.68 3.97 -4.45
OH5 1PE F . 6.54 4.85 -3.88
C15 1PE F . 4.86 6.38 -3.12
C25 1PE F . 5.35 5.48 -4.26
OH6 1PE F . 4.86 5.67 -1.92
C16 1PE F . 6.21 6.62 -0.17
C26 1PE F . 4.81 6.48 -0.78
OH7 1PE F . 6.25 7.77 0.63
OH2 1PE G . -4.35 -18.81 -0.16
C12 1PE G . -4.08 -17.85 -1.15
C22 1PE G . -2.74 -18.15 -1.81
OH3 1PE G . -1.86 -17.09 -1.55
C13 1PE G . -0.49 -16.78 0.36
C23 1PE G . -0.63 -17.46 -1.00
OH4 1PE G . 0.85 -16.44 0.58
C14 1PE G . 0.42 -14.28 1.52
C24 1PE G . 1.07 -15.65 1.70
OH5 1PE G . 1.36 -13.27 1.74
C15 1PE G . 2.92 -11.90 0.53
C25 1PE G . 2.45 -13.31 0.86
OH6 1PE G . 4.16 -11.95 -0.11
C16 1PE G . 6.54 -12.23 0.19
C26 1PE G . 5.14 -12.70 0.57
OH7 1PE G . 7.44 -12.63 1.18
S SO4 H . 19.33 2.06 -11.04
O1 SO4 H . 18.86 2.93 -12.11
O2 SO4 H . 18.62 2.40 -9.82
O3 SO4 H . 20.77 2.25 -10.83
O4 SO4 H . 19.09 0.66 -11.39
S SO4 I . -13.42 -22.43 -8.52
O1 SO4 I . -13.84 -21.04 -8.70
O2 SO4 I . -13.73 -23.18 -9.73
O3 SO4 I . -11.98 -22.49 -8.27
O4 SO4 I . -14.12 -23.01 -7.38
S SO4 J . 9.12 -25.41 -3.52
O1 SO4 J . 9.32 -24.69 -2.27
O2 SO4 J . 8.30 -24.61 -4.42
O3 SO4 J . 10.42 -25.67 -4.14
O4 SO4 J . 8.45 -26.68 -3.25
S SO4 K . 1.63 -23.76 -15.30
O1 SO4 K . 0.63 -22.91 -15.93
O2 SO4 K . 2.96 -23.17 -15.49
O3 SO4 K . 1.60 -25.09 -15.90
O4 SO4 K . 1.33 -23.88 -13.87
S SO4 L . 27.23 -14.68 14.41
O1 SO4 L . 27.33 -13.32 14.93
O2 SO4 L . 26.53 -14.67 13.13
O3 SO4 L . 28.57 -15.23 14.22
O4 SO4 L . 26.51 -15.50 15.36
C1 NAG M . -26.19 25.24 19.04
C2 NAG M . -26.55 26.27 17.97
C3 NAG M . -26.69 27.68 18.42
C4 NAG M . -27.29 27.83 19.80
C5 NAG M . -26.57 26.92 20.78
C6 NAG M . -27.09 27.17 22.19
C7 NAG M . -25.80 25.97 15.50
C8 NAG M . -27.27 25.73 15.10
N2 NAG M . -25.46 26.24 16.93
O3 NAG M . -27.55 28.37 17.48
O4 NAG M . -27.16 29.18 20.21
O5 NAG M . -26.78 25.53 20.41
O6 NAG M . -26.06 27.71 22.99
O7 NAG M . -24.95 25.94 14.68
OH2 1PE N . -6.19 13.55 1.92
C12 1PE N . -5.87 12.19 1.85
C22 1PE N . -5.98 11.72 0.40
OH3 1PE N . -4.73 11.83 -0.20
C13 1PE N . -3.12 11.10 -1.81
C23 1PE N . -4.58 11.06 -1.36
OH4 1PE N . -2.77 12.42 -2.10
C14 1PE N . -1.60 14.02 -3.43
C24 1PE N . -1.71 12.55 -3.00
OH5 1PE N . -2.02 14.16 -4.75
C15 1PE N . -3.58 15.06 -6.33
C25 1PE N . -2.95 15.19 -4.95
OH6 1PE N . -2.71 14.36 -7.19
C16 1PE N . -1.34 14.63 -9.13
C26 1PE N . -2.72 14.83 -8.51
OH7 1PE N . -1.36 15.08 -10.46
OH2 1PE O . -2.52 -6.79 8.20
C12 1PE O . -2.33 -6.05 7.01
C22 1PE O . -3.26 -6.61 5.93
OH3 1PE O . -3.31 -5.71 4.87
C13 1PE O . -5.56 -6.41 4.40
C23 1PE O . -4.18 -6.07 3.83
OH4 1PE O . -6.39 -5.30 4.28
C14 1PE O . -8.31 -4.49 5.43
C24 1PE O . -7.74 -5.57 4.51
OH5 1PE O . -9.26 -5.09 6.27
C15 1PE O . -9.91 -5.46 8.53
C25 1PE O . -9.39 -4.46 7.51
OH6 1PE O . -8.89 -5.76 9.44
C16 1PE O . -8.07 -7.09 11.26
C26 1PE O . -9.30 -6.55 10.51
OH7 1PE O . -7.12 -7.56 10.34
S SO4 P . -1.59 14.68 -22.96
O1 SO4 P . -0.39 15.50 -23.08
O2 SO4 P . -2.62 15.21 -23.85
O3 SO4 P . -1.29 13.31 -23.33
O4 SO4 P . -2.07 14.74 -21.59
S SO4 Q . -16.34 15.66 -15.79
O1 SO4 Q . -15.30 16.55 -15.26
O2 SO4 Q . -16.90 16.25 -17.00
O3 SO4 Q . -15.76 14.36 -16.11
O4 SO4 Q . -17.39 15.50 -14.79
#